data_1VCD
#
_entry.id   1VCD
#
_cell.length_a   49.559
_cell.length_b   52.324
_cell.length_c   114.009
_cell.angle_alpha   90.00
_cell.angle_beta   90.00
_cell.angle_gamma   90.00
#
_symmetry.space_group_name_H-M   'P 21 21 21'
#
loop_
_entity.id
_entity.type
_entity.pdbx_description
1 polymer Ndx1
2 non-polymer 'SULFATE ION'
3 non-polymer GLYCEROL
4 water water
#
_entity_poly.entity_id   1
_entity_poly.type   'polypeptide(L)'
_entity_poly.pdbx_seq_one_letter_code
;MELGAGGVVFNAKREVLLLRDRMGFWVFPKGHPEPGESLEEAAVREVWEETGVRAEVLLPLYPTRYVNPKGVEREVHWFL
MRGEGAPRLEEGMTGAGWFSPEEARALLAFPEDLGLLEVALERLPL
;
_entity_poly.pdbx_strand_id   A,B
#
loop_
_chem_comp.id
_chem_comp.type
_chem_comp.name
_chem_comp.formula
GOL non-polymer GLYCEROL 'C3 H8 O3'
SO4 non-polymer 'SULFATE ION' 'O4 S -2'
#
# COMPACT_ATOMS: atom_id res chain seq x y z
N MET A 1 15.63 -9.32 6.63
CA MET A 1 14.34 -8.60 6.88
C MET A 1 13.77 -9.04 8.23
N GLU A 2 13.00 -8.16 8.86
CA GLU A 2 12.41 -8.46 10.16
C GLU A 2 10.91 -8.74 10.03
N LEU A 3 10.49 -9.97 10.32
CA LEU A 3 9.09 -10.33 10.22
C LEU A 3 8.25 -9.61 11.28
N GLY A 4 6.97 -9.48 10.99
CA GLY A 4 6.04 -8.85 11.92
C GLY A 4 4.75 -9.64 11.84
N ALA A 5 3.90 -9.49 12.86
CA ALA A 5 2.62 -10.19 12.88
C ALA A 5 1.56 -9.19 13.33
N GLY A 6 0.48 -9.09 12.57
CA GLY A 6 -0.56 -8.14 12.94
C GLY A 6 -1.95 -8.71 12.82
N GLY A 7 -2.92 -8.01 13.38
CA GLY A 7 -4.28 -8.49 13.31
C GLY A 7 -5.35 -7.50 12.91
N VAL A 8 -6.26 -7.98 12.08
CA VAL A 8 -7.43 -7.19 11.67
C VAL A 8 -8.48 -7.94 12.49
N VAL A 9 -8.78 -7.38 13.65
CA VAL A 9 -9.70 -7.97 14.61
C VAL A 9 -11.14 -7.45 14.53
N PHE A 10 -12.09 -8.37 14.41
CA PHE A 10 -13.52 -8.03 14.34
C PHE A 10 -14.30 -8.64 15.51
N ASN A 11 -15.30 -7.92 16.00
CA ASN A 11 -16.12 -8.48 17.08
C ASN A 11 -17.40 -9.07 16.49
N ALA A 12 -18.31 -9.52 17.35
CA ALA A 12 -19.55 -10.13 16.89
C ALA A 12 -20.49 -9.19 16.14
N LYS A 13 -20.26 -7.89 16.27
CA LYS A 13 -21.10 -6.90 15.60
C LYS A 13 -20.47 -6.47 14.27
N ARG A 14 -19.46 -7.20 13.86
CA ARG A 14 -18.73 -6.95 12.63
C ARG A 14 -18.07 -5.57 12.63
N GLU A 15 -17.52 -5.19 13.77
CA GLU A 15 -16.81 -3.92 13.92
C GLU A 15 -15.32 -4.28 14.04
N VAL A 16 -14.45 -3.41 13.51
CA VAL A 16 -13.01 -3.66 13.55
C VAL A 16 -12.29 -2.85 14.62
N LEU A 17 -11.23 -3.46 15.18
CA LEU A 17 -10.42 -2.86 16.23
C LEU A 17 -9.28 -2.00 15.70
N LEU A 18 -9.31 -0.69 16.01
CA LEU A 18 -8.26 0.21 15.56
C LEU A 18 -7.63 0.94 16.75
N LEU A 19 -6.38 1.33 16.57
CA LEU A 19 -5.63 2.07 17.59
C LEU A 19 -5.07 3.33 16.95
N ARG A 20 -4.85 4.37 17.75
CA ARG A 20 -4.29 5.61 17.25
C ARG A 20 -2.91 5.74 17.89
N ASP A 21 -1.86 5.79 17.06
CA ASP A 21 -0.50 5.89 17.59
C ASP A 21 -0.13 7.26 18.15
N ARG A 22 1.10 7.38 18.65
CA ARG A 22 1.57 8.63 19.22
C ARG A 22 1.56 9.76 18.18
N MET A 23 1.61 9.40 16.91
CA MET A 23 1.59 10.38 15.84
C MET A 23 0.18 10.77 15.42
N GLY A 24 -0.82 10.14 16.03
CA GLY A 24 -2.20 10.45 15.70
C GLY A 24 -2.75 9.70 14.49
N PHE A 25 -2.10 8.60 14.11
CA PHE A 25 -2.56 7.81 12.97
C PHE A 25 -3.31 6.56 13.42
N TRP A 26 -4.48 6.31 12.82
CA TRP A 26 -5.23 5.11 13.17
C TRP A 26 -4.65 3.94 12.39
N VAL A 27 -4.35 2.86 13.09
CA VAL A 27 -3.74 1.69 12.49
C VAL A 27 -4.23 0.39 13.14
N PHE A 28 -3.82 -0.74 12.56
CA PHE A 28 -4.17 -2.05 13.12
C PHE A 28 -3.04 -2.42 14.07
N PRO A 29 -3.32 -3.26 15.07
CA PRO A 29 -2.28 -3.67 16.01
C PRO A 29 -1.32 -4.67 15.37
N LYS A 30 -0.03 -4.49 15.60
CA LYS A 30 0.96 -5.41 15.06
C LYS A 30 2.21 -5.37 15.94
N GLY A 31 3.04 -6.40 15.81
CA GLY A 31 4.26 -6.45 16.60
C GLY A 31 5.27 -7.43 16.05
N HIS A 32 6.32 -7.68 16.83
CA HIS A 32 7.39 -8.60 16.44
C HIS A 32 7.20 -9.96 17.10
N PRO A 33 7.36 -11.05 16.33
CA PRO A 33 7.21 -12.38 16.90
C PRO A 33 8.43 -12.71 17.75
N GLU A 34 8.27 -13.55 18.75
CA GLU A 34 9.40 -13.92 19.60
C GLU A 34 10.06 -15.16 19.00
N PRO A 35 11.30 -15.46 19.39
CA PRO A 35 11.99 -16.63 18.84
C PRO A 35 11.18 -17.92 18.97
N GLY A 36 11.05 -18.64 17.86
CA GLY A 36 10.32 -19.90 17.87
C GLY A 36 8.81 -19.78 17.97
N GLU A 37 8.31 -18.56 17.94
CA GLU A 37 6.87 -18.31 18.03
C GLU A 37 6.27 -18.33 16.62
N SER A 38 5.10 -18.95 16.45
CA SER A 38 4.47 -18.96 15.14
C SER A 38 3.91 -17.55 14.94
N LEU A 39 3.68 -17.15 13.69
CA LEU A 39 3.14 -15.82 13.47
C LEU A 39 1.73 -15.69 14.03
N GLU A 40 0.98 -16.79 14.00
CA GLU A 40 -0.38 -16.79 14.53
C GLU A 40 -0.34 -16.51 16.04
N GLU A 41 0.57 -17.19 16.72
CA GLU A 41 0.70 -16.98 18.16
C GLU A 41 1.14 -15.55 18.45
N ALA A 42 2.05 -15.05 17.63
CA ALA A 42 2.54 -13.68 17.79
C ALA A 42 1.42 -12.67 17.59
N ALA A 43 0.55 -12.92 16.62
CA ALA A 43 -0.56 -12.02 16.35
C ALA A 43 -1.49 -11.92 17.56
N VAL A 44 -1.84 -13.07 18.13
CA VAL A 44 -2.69 -13.13 19.31
C VAL A 44 -2.05 -12.34 20.46
N ARG A 45 -0.79 -12.63 20.73
CA ARG A 45 -0.08 -11.96 21.81
C ARG A 45 0.07 -10.45 21.59
N GLU A 46 0.46 -10.04 20.38
CA GLU A 46 0.62 -8.61 20.10
C GLU A 46 -0.70 -7.86 20.21
N VAL A 47 -1.80 -8.48 19.79
CA VAL A 47 -3.09 -7.82 19.90
C VAL A 47 -3.39 -7.58 21.38
N TRP A 48 -3.13 -8.58 22.21
CA TRP A 48 -3.37 -8.43 23.64
C TRP A 48 -2.47 -7.33 24.22
N GLU A 49 -1.19 -7.37 23.88
CA GLU A 49 -0.25 -6.36 24.38
C GLU A 49 -0.50 -4.95 23.88
N GLU A 50 -0.96 -4.81 22.64
CA GLU A 50 -1.19 -3.50 22.04
C GLU A 50 -2.57 -2.89 22.28
N THR A 51 -3.56 -3.72 22.57
CA THR A 51 -4.93 -3.22 22.75
C THR A 51 -5.67 -3.71 23.99
N GLY A 52 -5.13 -4.75 24.63
CA GLY A 52 -5.78 -5.30 25.81
C GLY A 52 -7.00 -6.14 25.46
N VAL A 53 -7.11 -6.52 24.19
CA VAL A 53 -8.22 -7.33 23.72
C VAL A 53 -7.77 -8.77 23.46
N ARG A 54 -8.56 -9.73 23.95
CA ARG A 54 -8.28 -11.15 23.75
C ARG A 54 -8.88 -11.52 22.40
N ALA A 55 -8.06 -12.02 21.48
CA ALA A 55 -8.53 -12.38 20.16
C ALA A 55 -7.94 -13.70 19.68
N GLU A 56 -8.61 -14.33 18.72
CA GLU A 56 -8.15 -15.59 18.16
C GLU A 56 -8.09 -15.49 16.64
N VAL A 57 -7.13 -16.18 16.05
CA VAL A 57 -6.98 -16.17 14.60
C VAL A 57 -8.05 -17.02 13.90
N LEU A 58 -8.70 -16.43 12.91
CA LEU A 58 -9.71 -17.15 12.14
C LEU A 58 -9.10 -17.66 10.86
N LEU A 59 -8.43 -16.76 10.13
CA LEU A 59 -7.83 -17.12 8.86
C LEU A 59 -6.67 -16.18 8.55
N PRO A 60 -5.77 -16.59 7.65
CA PRO A 60 -4.64 -15.74 7.28
C PRO A 60 -5.10 -14.76 6.19
N LEU A 61 -4.50 -13.59 6.15
CA LEU A 61 -4.85 -12.63 5.09
C LEU A 61 -3.66 -12.67 4.11
N TYR A 62 -2.77 -11.70 4.20
CA TYR A 62 -1.57 -11.68 3.35
C TYR A 62 -0.55 -10.74 3.96
N PRO A 63 0.70 -10.82 3.49
CA PRO A 63 1.73 -9.95 4.06
C PRO A 63 1.93 -8.63 3.33
N THR A 64 2.39 -7.63 4.06
CA THR A 64 2.68 -6.32 3.49
C THR A 64 4.15 -6.08 3.78
N ARG A 65 4.80 -5.29 2.95
CA ARG A 65 6.23 -5.00 3.15
C ARG A 65 6.51 -3.52 3.04
N TYR A 66 7.56 -3.08 3.74
CA TYR A 66 7.97 -1.68 3.71
C TYR A 66 9.31 -1.55 4.41
N VAL A 67 9.90 -0.35 4.33
CA VAL A 67 11.18 -0.09 4.97
C VAL A 67 10.93 0.91 6.08
N ASN A 68 11.27 0.54 7.31
CA ASN A 68 11.05 1.43 8.44
C ASN A 68 11.93 2.67 8.37
N PRO A 69 11.61 3.70 9.18
CA PRO A 69 12.37 4.95 9.23
C PRO A 69 13.85 4.77 9.52
N LYS A 70 14.26 3.56 9.87
CA LYS A 70 15.66 3.29 10.18
C LYS A 70 16.35 2.48 9.08
N GLY A 71 15.65 2.29 7.96
CA GLY A 71 16.22 1.56 6.84
C GLY A 71 16.05 0.05 6.86
N VAL A 72 15.35 -0.47 7.86
CA VAL A 72 15.14 -1.91 7.95
C VAL A 72 13.89 -2.37 7.22
N GLU A 73 14.03 -3.45 6.45
CA GLU A 73 12.92 -4.00 5.69
C GLU A 73 12.04 -4.81 6.62
N ARG A 74 10.73 -4.59 6.51
CA ARG A 74 9.77 -5.30 7.33
C ARG A 74 8.74 -5.99 6.44
N GLU A 75 8.32 -7.17 6.86
CA GLU A 75 7.30 -7.94 6.15
C GLU A 75 6.33 -8.36 7.24
N VAL A 76 5.19 -7.69 7.30
CA VAL A 76 4.21 -7.98 8.33
C VAL A 76 3.14 -8.93 7.80
N HIS A 77 2.96 -10.05 8.50
CA HIS A 77 1.95 -11.02 8.08
C HIS A 77 0.69 -10.73 8.88
N TRP A 78 -0.41 -10.52 8.16
CA TRP A 78 -1.69 -10.19 8.75
C TRP A 78 -2.65 -11.36 8.87
N PHE A 79 -3.43 -11.34 9.95
CA PHE A 79 -4.40 -12.38 10.23
C PHE A 79 -5.77 -11.80 10.55
N LEU A 80 -6.81 -12.48 10.06
CA LEU A 80 -8.18 -12.07 10.35
C LEU A 80 -8.46 -12.70 11.70
N MET A 81 -8.94 -11.91 12.65
CA MET A 81 -9.18 -12.43 13.99
C MET A 81 -10.54 -12.04 14.54
N ARG A 82 -11.03 -12.80 15.50
CA ARG A 82 -12.29 -12.46 16.14
C ARG A 82 -11.94 -12.10 17.59
N GLY A 83 -12.47 -10.99 18.07
CA GLY A 83 -12.19 -10.56 19.43
C GLY A 83 -13.41 -9.98 20.08
N GLU A 84 -13.34 -9.75 21.39
CA GLU A 84 -14.48 -9.20 22.09
C GLU A 84 -14.01 -8.34 23.26
N GLY A 85 -14.91 -7.57 23.85
CA GLY A 85 -14.54 -6.73 24.98
C GLY A 85 -14.04 -5.36 24.53
N ALA A 86 -13.80 -4.47 25.47
CA ALA A 86 -13.34 -3.13 25.16
C ALA A 86 -11.82 -3.04 25.21
N PRO A 87 -11.22 -2.22 24.33
CA PRO A 87 -9.77 -2.08 24.33
C PRO A 87 -9.34 -1.11 25.43
N ARG A 88 -8.03 -0.86 25.48
CA ARG A 88 -7.47 0.06 26.47
C ARG A 88 -6.29 0.77 25.79
N LEU A 89 -6.08 2.03 26.13
CA LEU A 89 -4.98 2.77 25.54
C LEU A 89 -3.65 2.43 26.19
N GLU A 90 -2.79 1.73 25.45
CA GLU A 90 -1.48 1.36 25.96
C GLU A 90 -0.55 2.56 25.88
N GLU A 91 0.58 2.47 26.58
CA GLU A 91 1.57 3.54 26.61
C GLU A 91 1.82 4.14 25.23
N GLY A 92 1.70 5.46 25.12
CA GLY A 92 1.93 6.13 23.86
C GLY A 92 0.72 6.29 22.96
N MET A 93 -0.23 5.36 23.05
CA MET A 93 -1.43 5.43 22.22
C MET A 93 -2.28 6.65 22.56
N THR A 94 -2.98 7.17 21.57
CA THR A 94 -3.82 8.35 21.75
C THR A 94 -5.29 8.07 21.43
N GLY A 95 -5.60 6.80 21.22
CA GLY A 95 -6.97 6.40 20.92
C GLY A 95 -7.08 4.92 20.67
N ALA A 96 -8.29 4.38 20.86
CA ALA A 96 -8.56 2.98 20.64
C ALA A 96 -10.07 2.79 20.60
N GLY A 97 -10.52 1.84 19.78
CA GLY A 97 -11.94 1.60 19.71
C GLY A 97 -12.37 0.63 18.64
N TRP A 98 -13.68 0.35 18.62
CA TRP A 98 -14.28 -0.53 17.64
C TRP A 98 -14.98 0.38 16.62
N PHE A 99 -14.81 0.06 15.35
CA PHE A 99 -15.36 0.88 14.27
C PHE A 99 -16.06 0.08 13.19
N SER A 100 -17.10 0.66 12.60
CA SER A 100 -17.80 -0.01 11.51
C SER A 100 -16.89 0.08 10.30
N PRO A 101 -17.11 -0.78 9.29
CA PRO A 101 -16.26 -0.74 8.10
C PRO A 101 -16.22 0.67 7.49
N GLU A 102 -17.38 1.31 7.40
CA GLU A 102 -17.42 2.66 6.83
C GLU A 102 -16.57 3.64 7.63
N GLU A 103 -16.69 3.59 8.96
CA GLU A 103 -15.92 4.48 9.82
C GLU A 103 -14.42 4.23 9.71
N ALA A 104 -14.05 2.96 9.62
CA ALA A 104 -12.63 2.61 9.51
C ALA A 104 -12.04 3.12 8.20
N ARG A 105 -12.80 3.00 7.11
CA ARG A 105 -12.35 3.48 5.81
C ARG A 105 -12.02 4.96 5.84
N ALA A 106 -12.69 5.70 6.69
CA ALA A 106 -12.46 7.13 6.81
C ALA A 106 -11.35 7.50 7.79
N LEU A 107 -10.97 6.57 8.66
CA LEU A 107 -9.93 6.82 9.66
C LEU A 107 -8.53 6.27 9.39
N LEU A 108 -8.44 5.10 8.77
CA LEU A 108 -7.15 4.48 8.51
C LEU A 108 -6.15 5.43 7.85
N ALA A 109 -5.00 5.59 8.50
CA ALA A 109 -3.93 6.48 8.02
C ALA A 109 -3.11 5.98 6.84
N PHE A 110 -2.84 4.69 6.78
CA PHE A 110 -2.03 4.13 5.71
C PHE A 110 -2.82 3.56 4.53
N PRO A 111 -2.54 4.04 3.31
CA PRO A 111 -3.24 3.58 2.11
C PRO A 111 -3.34 2.06 1.95
N GLU A 112 -2.25 1.35 2.22
CA GLU A 112 -2.24 -0.11 2.09
C GLU A 112 -3.23 -0.80 3.02
N ASP A 113 -3.56 -0.15 4.13
CA ASP A 113 -4.48 -0.76 5.09
C ASP A 113 -5.92 -0.82 4.61
N LEU A 114 -6.27 0.00 3.62
CA LEU A 114 -7.63 -0.01 3.09
C LEU A 114 -7.88 -1.36 2.42
N GLY A 115 -6.92 -1.82 1.62
CA GLY A 115 -7.05 -3.10 0.95
C GLY A 115 -7.16 -4.23 1.96
N LEU A 116 -6.36 -4.16 3.03
CA LEU A 116 -6.40 -5.17 4.07
C LEU A 116 -7.79 -5.24 4.69
N LEU A 117 -8.37 -4.08 4.96
CA LEU A 117 -9.70 -4.04 5.54
C LEU A 117 -10.72 -4.70 4.63
N GLU A 118 -10.69 -4.38 3.34
CA GLU A 118 -11.66 -4.96 2.42
C GLU A 118 -11.54 -6.47 2.25
N VAL A 119 -10.31 -6.99 2.21
CA VAL A 119 -10.13 -8.43 2.06
C VAL A 119 -10.56 -9.11 3.37
N ALA A 120 -10.30 -8.45 4.48
CA ALA A 120 -10.69 -9.00 5.78
C ALA A 120 -12.21 -9.15 5.82
N LEU A 121 -12.92 -8.12 5.36
CA LEU A 121 -14.38 -8.16 5.34
C LEU A 121 -14.95 -9.22 4.41
N GLU A 122 -14.26 -9.45 3.29
CA GLU A 122 -14.73 -10.46 2.33
C GLU A 122 -14.61 -11.86 2.91
N ARG A 123 -13.58 -12.08 3.71
CA ARG A 123 -13.33 -13.40 4.29
C ARG A 123 -13.93 -13.63 5.67
N LEU A 124 -14.42 -12.57 6.29
CA LEU A 124 -15.01 -12.67 7.62
C LEU A 124 -16.37 -13.33 7.52
N PRO A 125 -16.55 -14.51 8.16
CA PRO A 125 -17.82 -15.22 8.12
C PRO A 125 -18.97 -14.30 8.54
N LEU A 126 -20.05 -14.36 7.76
CA LEU A 126 -21.23 -13.55 8.02
C LEU A 126 -22.05 -14.10 9.19
N MET B 1 -6.51 -11.96 -9.64
CA MET B 1 -5.48 -10.92 -9.87
C MET B 1 -5.69 -10.23 -11.22
N GLU B 2 -5.59 -8.91 -11.22
CA GLU B 2 -5.80 -8.09 -12.42
C GLU B 2 -4.49 -7.49 -12.91
N LEU B 3 -4.13 -7.78 -14.16
CA LEU B 3 -2.89 -7.28 -14.75
C LEU B 3 -2.90 -5.79 -15.04
N GLY B 4 -1.73 -5.17 -14.93
CA GLY B 4 -1.60 -3.76 -15.20
C GLY B 4 -0.24 -3.49 -15.85
N ALA B 5 -0.09 -2.33 -16.46
CA ALA B 5 1.17 -1.95 -17.09
C ALA B 5 1.33 -0.45 -16.95
N GLY B 6 2.53 0.00 -16.60
CA GLY B 6 2.72 1.43 -16.43
C GLY B 6 4.17 1.85 -16.60
N GLY B 7 4.42 3.13 -16.37
CA GLY B 7 5.78 3.60 -16.53
C GLY B 7 6.27 4.55 -15.45
N VAL B 8 7.58 4.46 -15.21
CA VAL B 8 8.27 5.34 -14.27
C VAL B 8 9.02 6.20 -15.29
N VAL B 9 8.46 7.37 -15.57
CA VAL B 9 8.96 8.31 -16.56
C VAL B 9 9.85 9.43 -16.02
N PHE B 10 11.03 9.57 -16.61
CA PHE B 10 11.97 10.62 -16.23
C PHE B 10 12.22 11.57 -17.37
N ASN B 11 12.43 12.85 -17.06
CA ASN B 11 12.73 13.84 -18.09
C ASN B 11 14.23 14.12 -18.12
N ALA B 12 14.64 15.06 -18.96
CA ALA B 12 16.06 15.42 -19.09
C ALA B 12 16.69 15.87 -17.77
N LYS B 13 15.90 16.51 -16.93
CA LYS B 13 16.39 16.99 -15.63
C LYS B 13 16.33 15.91 -14.56
N ARG B 14 16.13 14.67 -15.00
CA ARG B 14 16.04 13.52 -14.11
C ARG B 14 14.97 13.67 -13.02
N GLU B 15 13.83 14.23 -13.42
CA GLU B 15 12.69 14.39 -12.52
C GLU B 15 11.72 13.28 -12.95
N VAL B 16 10.89 12.81 -12.03
CA VAL B 16 9.95 11.74 -12.34
C VAL B 16 8.50 12.23 -12.41
N LEU B 17 7.72 11.62 -13.28
CA LEU B 17 6.33 11.99 -13.50
C LEU B 17 5.37 11.28 -12.54
N LEU B 18 4.68 12.06 -11.70
CA LEU B 18 3.72 11.49 -10.74
C LEU B 18 2.33 12.06 -10.93
N LEU B 19 1.32 11.27 -10.58
CA LEU B 19 -0.08 11.68 -10.66
C LEU B 19 -0.71 11.46 -9.27
N ARG B 20 -1.69 12.29 -8.92
CA ARG B 20 -2.38 12.15 -7.64
C ARG B 20 -3.78 11.66 -7.97
N ASP B 21 -4.17 10.50 -7.44
CA ASP B 21 -5.49 9.96 -7.77
C ASP B 21 -6.67 10.54 -6.99
N ARG B 22 -7.84 9.96 -7.25
CA ARG B 22 -9.09 10.37 -6.63
C ARG B 22 -9.04 10.34 -5.10
N MET B 23 -8.27 9.41 -4.55
CA MET B 23 -8.15 9.26 -3.10
C MET B 23 -7.05 10.13 -2.50
N GLY B 24 -6.41 10.94 -3.34
CA GLY B 24 -5.35 11.81 -2.88
C GLY B 24 -3.99 11.17 -2.74
N PHE B 25 -3.78 10.05 -3.42
CA PHE B 25 -2.50 9.33 -3.35
C PHE B 25 -1.63 9.57 -4.57
N TRP B 26 -0.36 9.89 -4.34
CA TRP B 26 0.56 10.09 -5.45
C TRP B 26 1.07 8.72 -5.89
N VAL B 27 0.97 8.46 -7.19
CA VAL B 27 1.37 7.20 -7.78
C VAL B 27 1.98 7.42 -9.16
N PHE B 28 2.37 6.32 -9.82
CA PHE B 28 2.94 6.38 -11.17
C PHE B 28 1.79 6.09 -12.14
N PRO B 29 1.86 6.64 -13.36
CA PRO B 29 0.81 6.39 -14.35
C PRO B 29 0.78 4.94 -14.83
N LYS B 30 -0.41 4.35 -14.86
CA LYS B 30 -0.54 2.97 -15.29
C LYS B 30 -1.95 2.71 -15.81
N GLY B 31 -2.15 1.53 -16.39
CA GLY B 31 -3.45 1.15 -16.91
C GLY B 31 -3.54 -0.33 -17.20
N HIS B 32 -4.55 -0.75 -17.96
CA HIS B 32 -4.73 -2.16 -18.27
C HIS B 32 -4.39 -2.46 -19.72
N PRO B 33 -3.66 -3.56 -19.97
CA PRO B 33 -3.29 -3.94 -21.33
C PRO B 33 -4.54 -4.37 -22.09
N GLU B 34 -4.57 -4.11 -23.38
CA GLU B 34 -5.70 -4.50 -24.21
C GLU B 34 -5.32 -5.80 -24.91
N PRO B 35 -6.31 -6.56 -25.39
CA PRO B 35 -6.02 -7.82 -26.08
C PRO B 35 -5.07 -7.60 -27.25
N GLY B 36 -4.03 -8.44 -27.35
CA GLY B 36 -3.09 -8.30 -28.45
C GLY B 36 -1.95 -7.34 -28.20
N GLU B 37 -1.99 -6.62 -27.07
CA GLU B 37 -0.95 -5.67 -26.71
C GLU B 37 0.14 -6.27 -25.83
N SER B 38 1.39 -5.93 -26.11
CA SER B 38 2.47 -6.40 -25.25
C SER B 38 2.35 -5.48 -24.04
N LEU B 39 2.93 -5.87 -22.91
CA LEU B 39 2.84 -5.01 -21.73
C LEU B 39 3.59 -3.70 -21.94
N GLU B 40 4.67 -3.73 -22.73
CA GLU B 40 5.44 -2.51 -22.99
C GLU B 40 4.59 -1.53 -23.80
N GLU B 41 3.96 -2.05 -24.84
CA GLU B 41 3.10 -1.22 -25.69
C GLU B 41 1.98 -0.61 -24.84
N ALA B 42 1.39 -1.42 -23.97
CA ALA B 42 0.31 -0.98 -23.09
C ALA B 42 0.79 0.11 -22.13
N ALA B 43 1.99 -0.06 -21.60
CA ALA B 43 2.56 0.92 -20.66
C ALA B 43 2.74 2.28 -21.33
N VAL B 44 3.27 2.27 -22.54
CA VAL B 44 3.49 3.51 -23.28
C VAL B 44 2.15 4.19 -23.56
N ARG B 45 1.16 3.39 -23.97
CA ARG B 45 -0.16 3.95 -24.28
C ARG B 45 -0.84 4.52 -23.04
N GLU B 46 -0.76 3.81 -21.92
CA GLU B 46 -1.40 4.29 -20.71
C GLU B 46 -0.74 5.58 -20.21
N VAL B 47 0.58 5.70 -20.35
CA VAL B 47 1.23 6.93 -19.90
C VAL B 47 0.67 8.09 -20.75
N TRP B 48 0.48 7.84 -22.04
CA TRP B 48 -0.06 8.88 -22.91
C TRP B 48 -1.47 9.26 -22.46
N GLU B 49 -2.32 8.24 -22.33
CA GLU B 49 -3.70 8.46 -21.90
C GLU B 49 -3.83 9.12 -20.54
N GLU B 50 -2.98 8.70 -19.60
CA GLU B 50 -3.03 9.23 -18.23
C GLU B 50 -2.33 10.56 -17.97
N THR B 51 -1.31 10.91 -18.76
CA THR B 51 -0.58 12.16 -18.52
C THR B 51 -0.45 13.09 -19.71
N GLY B 52 -0.72 12.59 -20.91
CA GLY B 52 -0.60 13.42 -22.09
C GLY B 52 0.87 13.57 -22.48
N VAL B 53 1.73 12.75 -21.89
CA VAL B 53 3.15 12.79 -22.18
C VAL B 53 3.52 11.64 -23.11
N ARG B 54 4.27 11.95 -24.16
CA ARG B 54 4.71 10.94 -25.12
C ARG B 54 6.04 10.41 -24.63
N ALA B 55 6.05 9.21 -24.08
CA ALA B 55 7.27 8.63 -23.55
C ALA B 55 7.88 7.52 -24.42
N GLU B 56 9.17 7.30 -24.23
CA GLU B 56 9.91 6.25 -24.93
C GLU B 56 10.52 5.31 -23.89
N VAL B 57 10.40 4.01 -24.13
CA VAL B 57 10.93 3.02 -23.19
C VAL B 57 12.44 2.86 -23.22
N LEU B 58 13.06 2.92 -22.04
CA LEU B 58 14.50 2.77 -21.91
C LEU B 58 14.85 1.32 -21.55
N LEU B 59 14.11 0.76 -20.61
CA LEU B 59 14.36 -0.61 -20.17
C LEU B 59 13.24 -1.10 -19.28
N PRO B 60 13.07 -2.42 -19.16
CA PRO B 60 12.01 -2.96 -18.31
C PRO B 60 12.46 -2.93 -16.85
N LEU B 61 11.53 -2.82 -15.92
CA LEU B 61 11.86 -2.82 -14.51
C LEU B 61 11.37 -4.17 -13.99
N TYR B 62 10.35 -4.16 -13.15
CA TYR B 62 9.80 -5.41 -12.65
C TYR B 62 8.35 -5.19 -12.26
N PRO B 63 7.60 -6.28 -12.02
CA PRO B 63 6.20 -6.09 -11.65
C PRO B 63 5.96 -5.98 -10.16
N THR B 64 5.09 -5.08 -9.75
CA THR B 64 4.76 -4.96 -8.33
C THR B 64 3.49 -5.77 -8.12
N ARG B 65 3.31 -6.31 -6.92
CA ARG B 65 2.13 -7.10 -6.60
C ARG B 65 1.59 -6.54 -5.31
N TYR B 66 0.30 -6.23 -5.29
CA TYR B 66 -0.32 -5.66 -4.10
C TYR B 66 -1.82 -5.83 -4.15
N VAL B 67 -2.48 -5.42 -3.07
CA VAL B 67 -3.94 -5.47 -2.99
C VAL B 67 -4.37 -4.00 -2.92
N ASN B 68 -5.17 -3.56 -3.89
CA ASN B 68 -5.59 -2.16 -3.91
C ASN B 68 -6.65 -1.82 -2.86
N PRO B 69 -6.95 -0.52 -2.70
CA PRO B 69 -7.95 -0.08 -1.72
C PRO B 69 -9.31 -0.73 -1.82
N LYS B 70 -9.62 -1.33 -2.96
CA LYS B 70 -10.91 -2.00 -3.14
C LYS B 70 -10.80 -3.48 -2.77
N GLY B 71 -9.62 -3.89 -2.33
CA GLY B 71 -9.40 -5.27 -1.96
C GLY B 71 -9.13 -6.18 -3.14
N VAL B 72 -8.76 -5.58 -4.28
CA VAL B 72 -8.47 -6.36 -5.48
C VAL B 72 -6.96 -6.52 -5.67
N GLU B 73 -6.52 -7.76 -5.89
CA GLU B 73 -5.10 -8.03 -6.09
C GLU B 73 -4.66 -7.59 -7.48
N ARG B 74 -3.54 -6.88 -7.55
CA ARG B 74 -3.01 -6.38 -8.81
C ARG B 74 -1.57 -6.83 -9.03
N GLU B 75 -1.19 -6.96 -10.29
CA GLU B 75 0.19 -7.26 -10.65
C GLU B 75 0.44 -6.29 -11.79
N VAL B 76 1.23 -5.26 -11.53
CA VAL B 76 1.52 -4.24 -12.54
C VAL B 76 2.97 -4.33 -12.99
N HIS B 77 3.16 -4.45 -14.31
CA HIS B 77 4.48 -4.53 -14.89
C HIS B 77 4.93 -3.13 -15.28
N TRP B 78 6.11 -2.75 -14.81
CA TRP B 78 6.65 -1.42 -15.02
C TRP B 78 7.80 -1.32 -16.01
N PHE B 79 7.89 -0.16 -16.64
CA PHE B 79 8.95 0.13 -17.59
C PHE B 79 9.53 1.51 -17.32
N LEU B 80 10.85 1.61 -17.37
CA LEU B 80 11.55 2.87 -17.17
C LEU B 80 11.46 3.60 -18.50
N MET B 81 11.00 4.85 -18.48
CA MET B 81 10.85 5.63 -19.71
C MET B 81 11.44 7.02 -19.60
N ARG B 82 11.57 7.66 -20.76
CA ARG B 82 12.06 9.02 -20.86
C ARG B 82 10.93 9.81 -21.50
N GLY B 83 10.73 11.03 -21.04
CA GLY B 83 9.67 11.85 -21.60
C GLY B 83 9.87 13.31 -21.28
N GLU B 84 9.16 14.18 -22.01
CA GLU B 84 9.26 15.60 -21.80
C GLU B 84 7.88 16.23 -21.90
N GLY B 85 7.77 17.49 -21.51
CA GLY B 85 6.50 18.17 -21.59
C GLY B 85 5.69 18.14 -20.31
N ALA B 86 4.84 19.15 -20.15
CA ALA B 86 3.98 19.26 -18.97
C ALA B 86 2.83 18.26 -19.06
N PRO B 87 2.52 17.60 -17.94
CA PRO B 87 1.43 16.61 -17.94
C PRO B 87 0.06 17.26 -17.89
N ARG B 88 -0.98 16.43 -17.92
CA ARG B 88 -2.37 16.86 -17.85
C ARG B 88 -3.05 16.12 -16.72
N LEU B 89 -4.10 16.72 -16.17
CA LEU B 89 -4.86 16.07 -15.11
C LEU B 89 -6.13 15.52 -15.74
N GLU B 90 -6.23 14.20 -15.81
CA GLU B 90 -7.41 13.56 -16.40
C GLU B 90 -8.52 13.47 -15.36
N GLU B 91 -9.73 13.15 -15.81
CA GLU B 91 -10.87 13.06 -14.91
C GLU B 91 -10.60 12.24 -13.65
N GLY B 92 -11.02 12.79 -12.52
CA GLY B 92 -10.82 12.11 -11.25
C GLY B 92 -9.49 12.45 -10.60
N MET B 93 -8.47 12.71 -11.41
CA MET B 93 -7.14 13.05 -10.89
C MET B 93 -7.20 14.36 -10.11
N THR B 94 -6.40 14.45 -9.06
CA THR B 94 -6.37 15.64 -8.22
C THR B 94 -5.01 16.34 -8.20
N GLY B 95 -4.11 15.84 -9.04
CA GLY B 95 -2.79 16.45 -9.12
C GLY B 95 -1.91 15.75 -10.14
N ALA B 96 -0.87 16.46 -10.59
CA ALA B 96 0.07 15.91 -11.55
C ALA B 96 1.29 16.81 -11.65
N GLY B 97 2.46 16.21 -11.88
CA GLY B 97 3.66 17.03 -12.01
C GLY B 97 4.94 16.26 -12.10
N TRP B 98 6.03 16.99 -12.31
CA TRP B 98 7.36 16.41 -12.38
C TRP B 98 7.97 16.65 -11.00
N PHE B 99 8.66 15.65 -10.48
CA PHE B 99 9.25 15.73 -9.14
C PHE B 99 10.68 15.22 -9.05
N SER B 100 11.48 15.85 -8.20
CA SER B 100 12.85 15.38 -8.02
C SER B 100 12.70 14.09 -7.24
N PRO B 101 13.71 13.21 -7.29
CA PRO B 101 13.62 11.94 -6.56
C PRO B 101 13.36 12.17 -5.07
N GLU B 102 14.02 13.18 -4.52
CA GLU B 102 13.84 13.51 -3.11
C GLU B 102 12.37 13.81 -2.83
N GLU B 103 11.75 14.65 -3.67
CA GLU B 103 10.35 15.02 -3.50
C GLU B 103 9.45 13.80 -3.69
N ALA B 104 9.78 12.96 -4.67
CA ALA B 104 8.97 11.76 -4.93
C ALA B 104 8.96 10.83 -3.71
N ARG B 105 10.12 10.65 -3.09
CA ARG B 105 10.22 9.77 -1.91
C ARG B 105 9.30 10.21 -0.78
N ALA B 106 9.07 11.53 -0.68
CA ALA B 106 8.22 12.07 0.37
C ALA B 106 6.75 12.13 -0.02
N LEU B 107 6.44 11.86 -1.28
CA LEU B 107 5.06 11.92 -1.74
C LEU B 107 4.37 10.60 -2.10
N LEU B 108 5.10 9.66 -2.68
CA LEU B 108 4.50 8.38 -3.07
C LEU B 108 3.75 7.73 -1.91
N ALA B 109 2.50 7.35 -2.16
CA ALA B 109 1.65 6.75 -1.14
C ALA B 109 1.90 5.30 -0.76
N PHE B 110 2.28 4.49 -1.75
CA PHE B 110 2.47 3.06 -1.50
C PHE B 110 3.91 2.57 -1.40
N PRO B 111 4.18 1.71 -0.42
CA PRO B 111 5.52 1.17 -0.22
C PRO B 111 6.09 0.47 -1.44
N GLU B 112 5.23 -0.21 -2.21
CA GLU B 112 5.69 -0.92 -3.42
C GLU B 112 6.21 0.09 -4.44
N ASP B 113 5.61 1.28 -4.46
CA ASP B 113 6.04 2.29 -5.41
C ASP B 113 7.35 2.95 -4.97
N LEU B 114 7.55 3.10 -3.66
CA LEU B 114 8.80 3.68 -3.16
C LEU B 114 9.95 2.74 -3.51
N GLY B 115 9.70 1.43 -3.42
CA GLY B 115 10.72 0.46 -3.73
C GLY B 115 11.06 0.49 -5.21
N LEU B 116 10.02 0.63 -6.03
CA LEU B 116 10.19 0.69 -7.47
C LEU B 116 10.99 1.92 -7.86
N LEU B 117 10.70 3.05 -7.21
CA LEU B 117 11.42 4.27 -7.50
C LEU B 117 12.91 4.08 -7.25
N GLU B 118 13.27 3.40 -6.15
CA GLU B 118 14.69 3.19 -5.85
C GLU B 118 15.39 2.37 -6.94
N VAL B 119 14.72 1.33 -7.44
CA VAL B 119 15.32 0.51 -8.49
C VAL B 119 15.44 1.31 -9.78
N ALA B 120 14.40 2.08 -10.09
CA ALA B 120 14.40 2.89 -11.30
C ALA B 120 15.57 3.87 -11.30
N LEU B 121 15.79 4.51 -10.16
CA LEU B 121 16.88 5.48 -10.03
C LEU B 121 18.25 4.81 -10.23
N GLU B 122 18.40 3.59 -9.72
CA GLU B 122 19.67 2.87 -9.86
C GLU B 122 19.95 2.50 -11.31
N ARG B 123 18.90 2.28 -12.10
CA ARG B 123 19.05 1.87 -13.49
C ARG B 123 18.94 2.99 -14.50
N LEU B 124 18.58 4.18 -14.05
CA LEU B 124 18.42 5.32 -14.96
C LEU B 124 19.75 5.71 -15.61
N PRO B 125 19.79 5.75 -16.96
CA PRO B 125 21.00 6.11 -17.69
C PRO B 125 21.13 7.62 -17.87
N LEU B 126 22.36 8.12 -17.86
CA LEU B 126 22.59 9.54 -18.05
C LEU B 126 22.51 9.90 -19.54
S SO4 C . 7.77 -0.11 12.46
O1 SO4 C . 9.12 -0.94 12.08
O2 SO4 C . 6.83 -0.43 11.41
O3 SO4 C . 7.35 -0.47 13.64
O4 SO4 C . 8.19 1.26 12.32
C1 GOL D . -5.67 -12.27 -2.14
O1 GOL D . -6.97 -11.37 -2.35
C2 GOL D . -4.43 -11.81 -1.68
O2 GOL D . -4.26 -10.52 -1.98
C3 GOL D . -3.81 -12.70 -1.17
O3 GOL D . -3.42 -14.10 -0.62
S SO4 E . -5.30 0.39 -8.45
O1 SO4 E . -3.70 0.49 -8.23
O2 SO4 E . -5.57 -1.00 -8.65
O3 SO4 E . -5.93 0.90 -7.40
O4 SO4 E . -5.49 1.13 -9.68
C1 GOL F . -3.38 6.63 -12.59
O1 GOL F . -2.51 6.11 -13.85
C2 GOL F . -3.83 5.88 -11.49
O2 GOL F . -3.77 6.60 -10.35
C3 GOL F . -4.13 4.75 -11.80
O3 GOL F . -4.40 3.45 -12.63
#